data_3TTP
#
_entry.id   3TTP
#
_cell.length_a   61.660
_cell.length_b   61.660
_cell.length_c   83.070
_cell.angle_alpha   90.00
_cell.angle_beta   90.00
_cell.angle_gamma   120.00
#
_symmetry.space_group_name_H-M   'P 61'
#
loop_
_entity.id
_entity.type
_entity.pdbx_description
1 polymer 'HIV-1 protease'
2 non-polymer (3R,3AS,6AR)-HEXAHYDROFURO[2,3-B]FURAN-3-YL(1S,2R)-3-[[(4-AMINOPHENYL)SULFONYL](ISOBUTYL)AMINO]-1-BENZYL-2-HYDROXYPROPYLCARBAMATE
3 non-polymer 'CHLORIDE ION'
4 non-polymer BETA-MERCAPTOETHANOL
5 water water
#
_entity_poly.entity_id   1
_entity_poly.type   'polypeptide(L)'
_entity_poly.pdbx_seq_one_letter_code
;PQITLWQRPLVTVKIGGQLREALLDTGADDTIFEDINLPGKWTPKMVGGIGGFMKVRQYDQVVIEICGHKVTSPVLVGPT
PLNIIGRNVLTQLGCTLNF
;
_entity_poly.pdbx_strand_id   A,B
#
loop_
_chem_comp.id
_chem_comp.type
_chem_comp.name
_chem_comp.formula
017 non-polymer (3R,3AS,6AR)-HEXAHYDROFURO[2,3-B]FURAN-3-YL(1S,2R)-3-[[(4-AMINOPHENYL)SULFONYL](ISOBUTYL)AMINO]-1-BENZYL-2-HYDROXYPROPYLCARBAMATE 'C27 H37 N3 O7 S'
BME non-polymer BETA-MERCAPTOETHANOL 'C2 H6 O S'
CL non-polymer 'CHLORIDE ION' 'Cl -1'
#
# COMPACT_ATOMS: atom_id res chain seq x y z
N PRO A 1 0.91 -18.92 6.62
CA PRO A 1 0.44 -18.38 5.35
C PRO A 1 1.48 -17.51 4.65
N GLN A 2 1.97 -18.00 3.51
CA GLN A 2 2.80 -17.19 2.63
C GLN A 2 2.00 -16.82 1.40
N ILE A 3 2.02 -15.53 1.07
CA ILE A 3 1.21 -14.96 -0.01
C ILE A 3 2.14 -14.24 -0.99
N THR A 4 2.18 -14.72 -2.23
CA THR A 4 2.89 -14.03 -3.30
C THR A 4 2.13 -12.79 -3.79
N LEU A 5 2.63 -12.17 -4.83
CA LEU A 5 2.17 -10.82 -5.12
C LEU A 5 1.88 -10.59 -6.60
N TRP A 6 1.84 -11.69 -7.34
CA TRP A 6 1.42 -11.70 -8.73
C TRP A 6 -0.04 -11.22 -8.89
N GLN A 7 -0.79 -11.29 -7.78
CA GLN A 7 -2.16 -10.74 -7.72
C GLN A 7 -2.31 -9.89 -6.48
N ARG A 8 -3.31 -9.01 -6.47
CA ARG A 8 -3.53 -8.17 -5.29
C ARG A 8 -3.73 -9.08 -4.07
N PRO A 9 -3.02 -8.81 -2.97
CA PRO A 9 -3.24 -9.70 -1.81
C PRO A 9 -4.53 -9.35 -1.07
N LEU A 10 -5.65 -9.81 -1.62
CA LEU A 10 -6.96 -9.64 -1.02
C LEU A 10 -7.26 -10.78 -0.05
N VAL A 11 -7.78 -10.42 1.13
CA VAL A 11 -8.27 -11.42 2.10
C VAL A 11 -9.72 -11.09 2.49
N THR A 12 -10.46 -12.10 2.95
CA THR A 12 -11.83 -11.92 3.44
C THR A 12 -11.76 -11.59 4.93
N VAL A 13 -12.51 -10.59 5.37
CA VAL A 13 -12.49 -10.21 6.77
C VAL A 13 -13.89 -10.19 7.35
N LYS A 14 -14.01 -10.42 8.65
CA LYS A 14 -15.23 -10.11 9.37
C LYS A 14 -14.91 -8.96 10.32
N ILE A 15 -15.61 -7.86 10.08
CA ILE A 15 -15.41 -6.63 10.83
C ILE A 15 -16.78 -6.12 11.26
N GLY A 16 -16.92 -5.88 12.56
CA GLY A 16 -18.17 -5.38 13.13
C GLY A 16 -19.38 -6.18 12.70
N GLY A 17 -19.19 -7.49 12.58
CA GLY A 17 -20.28 -8.39 12.20
C GLY A 17 -20.52 -8.54 10.71
N GLN A 18 -19.89 -7.71 9.89
CA GLN A 18 -20.10 -7.71 8.42
C GLN A 18 -18.95 -8.40 7.68
N LEU A 19 -19.24 -9.02 6.54
CA LEU A 19 -18.23 -9.71 5.75
C LEU A 19 -17.74 -8.82 4.63
N ARG A 20 -16.44 -8.61 4.57
CA ARG A 20 -15.84 -7.73 3.61
C ARG A 20 -14.62 -8.40 3.01
N GLU A 21 -14.23 -7.91 1.85
CA GLU A 21 -12.93 -8.22 1.31
C GLU A 21 -11.98 -7.00 1.55
N ALA A 22 -10.71 -7.28 1.82
CA ALA A 22 -9.75 -6.19 2.00
C ALA A 22 -8.35 -6.58 1.55
N LEU A 23 -7.59 -5.52 1.27
CA LEU A 23 -6.29 -5.58 0.67
C LEU A 23 -5.19 -5.47 1.74
N LEU A 24 -4.29 -6.43 1.75
CA LEU A 24 -3.13 -6.38 2.64
C LEU A 24 -2.15 -5.37 2.07
N ASP A 25 -1.93 -4.29 2.82
CA ASP A 25 -1.33 -3.09 2.24
C ASP A 25 -0.25 -2.57 3.17
N THR A 26 0.99 -3.01 2.92
CA THR A 26 2.17 -2.57 3.69
C THR A 26 2.44 -1.07 3.53
N GLY A 27 2.00 -0.50 2.41
CA GLY A 27 2.10 0.96 2.20
C GLY A 27 1.07 1.79 2.91
N ALA A 28 0.20 1.17 3.70
CA ALA A 28 -0.80 1.92 4.47
C ALA A 28 -0.49 1.87 5.97
N ASP A 29 -0.41 3.03 6.61
CA ASP A 29 -0.17 3.12 8.05
C ASP A 29 -1.37 2.57 8.80
N ASP A 30 -2.56 2.86 8.26
CA ASP A 30 -3.81 2.68 8.97
C ASP A 30 -4.82 1.92 8.14
N THR A 31 -5.69 1.22 8.84
CA THR A 31 -6.69 0.36 8.24
C THR A 31 -7.94 1.17 7.96
N ILE A 32 -8.42 1.08 6.74
CA ILE A 32 -9.57 1.85 6.34
C ILE A 32 -10.58 1.10 5.47
N PHE A 33 -11.85 1.32 5.78
CA PHE A 33 -12.93 0.68 5.09
C PHE A 33 -13.89 1.71 4.48
N GLU A 34 -14.43 1.37 3.32
CA GLU A 34 -15.38 2.19 2.58
C GLU A 34 -16.85 1.80 2.82
N ASP A 35 -17.15 0.50 2.79
CA ASP A 35 -18.55 0.06 2.63
C ASP A 35 -19.19 -0.51 3.90
N ILE A 36 -18.95 0.14 5.04
CA ILE A 36 -19.42 -0.36 6.33
C ILE A 36 -19.97 0.73 7.22
N ASN A 37 -20.75 0.31 8.21
CA ASN A 37 -21.25 1.23 9.21
C ASN A 37 -20.92 0.67 10.58
N LEU A 38 -20.01 1.36 11.25
CA LEU A 38 -19.56 0.95 12.56
C LEU A 38 -20.40 1.57 13.67
N PRO A 39 -20.58 0.85 14.78
CA PRO A 39 -21.32 1.39 15.92
C PRO A 39 -20.45 2.35 16.74
N GLY A 40 -21.10 3.20 17.52
CA GLY A 40 -20.41 4.05 18.52
C GLY A 40 -19.95 5.43 18.07
N LYS A 41 -19.38 6.17 19.01
CA LYS A 41 -18.75 7.47 18.77
C LYS A 41 -17.50 7.35 17.90
N TRP A 42 -17.15 8.45 17.25
CA TRP A 42 -15.98 8.48 16.40
C TRP A 42 -15.27 9.82 16.49
N THR A 43 -14.04 9.86 15.97
CA THR A 43 -13.22 11.05 15.92
C THR A 43 -12.94 11.41 14.47
N PRO A 44 -13.04 12.71 14.12
CA PRO A 44 -12.76 13.13 12.75
C PRO A 44 -11.28 13.10 12.49
N LYS A 45 -10.88 12.39 11.45
CA LYS A 45 -9.49 12.45 11.02
C LYS A 45 -9.42 12.74 9.53
N MET A 46 -8.22 12.74 9.01
CA MET A 46 -8.02 12.86 7.59
C MET A 46 -6.96 11.85 7.15
N VAL A 47 -7.08 11.39 5.92
CA VAL A 47 -6.04 10.60 5.34
C VAL A 47 -5.60 11.24 4.03
N GLY A 48 -4.31 11.19 3.78
CA GLY A 48 -3.75 11.73 2.56
C GLY A 48 -3.37 10.57 1.69
N GLY A 49 -3.47 10.73 0.38
CA GLY A 49 -3.18 9.63 -0.48
C GLY A 49 -2.52 10.03 -1.75
N ILE A 50 -2.38 9.06 -2.64
CA ILE A 50 -1.70 9.33 -3.88
C ILE A 50 -2.28 10.57 -4.55
N GLY A 51 -3.60 10.69 -4.64
CA GLY A 51 -4.22 11.79 -5.40
C GLY A 51 -4.93 12.88 -4.61
N GLY A 52 -4.71 12.94 -3.31
CA GLY A 52 -5.44 13.93 -2.52
C GLY A 52 -5.76 13.45 -1.13
N PHE A 53 -6.67 14.13 -0.46
CA PHE A 53 -7.00 13.87 0.93
CA PHE A 53 -7.00 13.86 0.93
C PHE A 53 -8.49 13.53 1.06
N MET A 54 -8.86 12.94 2.20
CA MET A 54 -10.29 12.79 2.52
C MET A 54 -10.56 12.74 4.02
N LYS A 55 -11.73 13.27 4.40
CA LYS A 55 -12.24 13.20 5.76
C LYS A 55 -12.64 11.78 6.07
N VAL A 56 -12.32 11.34 7.29
CA VAL A 56 -12.71 10.02 7.76
C VAL A 56 -13.19 10.05 9.18
N ARG A 57 -13.77 8.92 9.58
CA ARG A 57 -14.18 8.69 10.94
CA ARG A 57 -14.19 8.69 10.93
C ARG A 57 -13.26 7.61 11.49
N GLN A 58 -12.64 7.90 12.64
CA GLN A 58 -11.89 6.91 13.38
C GLN A 58 -12.76 6.30 14.48
N TYR A 59 -12.98 5.00 14.35
CA TYR A 59 -13.66 4.20 15.37
C TYR A 59 -12.58 3.41 16.09
N ASP A 60 -12.54 3.53 17.41
CA ASP A 60 -11.51 2.89 18.21
C ASP A 60 -11.92 1.48 18.54
N GLN A 61 -10.92 0.65 18.87
CA GLN A 61 -11.18 -0.65 19.45
C GLN A 61 -12.25 -1.42 18.66
N VAL A 62 -11.94 -1.74 17.41
CA VAL A 62 -12.85 -2.50 16.55
C VAL A 62 -12.29 -3.91 16.37
N VAL A 63 -13.15 -4.89 16.58
CA VAL A 63 -12.85 -6.31 16.39
C VAL A 63 -12.78 -6.69 14.90
N ILE A 64 -11.61 -7.17 14.47
CA ILE A 64 -11.45 -7.62 13.08
C ILE A 64 -11.03 -9.09 13.07
N GLU A 65 -11.79 -9.88 12.32
CA GLU A 65 -11.50 -11.30 12.11
C GLU A 65 -10.90 -11.50 10.73
N ILE A 66 -9.61 -11.77 10.72
CA ILE A 66 -8.82 -11.70 9.50
C ILE A 66 -7.84 -12.85 9.55
N CYS A 67 -7.64 -13.48 8.39
CA CYS A 67 -7.03 -14.79 8.32
C CYS A 67 -7.61 -15.63 9.50
N GLY A 68 -6.80 -16.41 10.21
CA GLY A 68 -7.31 -17.12 11.39
C GLY A 68 -7.33 -16.31 12.69
N HIS A 69 -6.96 -15.03 12.58
CA HIS A 69 -6.71 -14.13 13.72
C HIS A 69 -7.91 -13.25 14.11
N LYS A 70 -8.08 -13.04 15.40
CA LYS A 70 -9.09 -12.12 15.92
C LYS A 70 -8.44 -10.97 16.70
N VAL A 71 -8.56 -9.75 16.17
CA VAL A 71 -7.78 -8.59 16.64
C VAL A 71 -8.61 -7.32 16.80
N THR A 72 -8.20 -6.45 17.73
CA THR A 72 -8.79 -5.12 17.86
C THR A 72 -7.86 -4.03 17.31
N SER A 73 -8.46 -3.04 16.63
CA SER A 73 -7.73 -1.89 16.09
C SER A 73 -8.65 -0.68 15.90
N PRO A 74 -8.09 0.55 15.96
CA PRO A 74 -8.86 1.67 15.41
C PRO A 74 -9.10 1.47 13.93
N VAL A 75 -10.30 1.80 13.48
CA VAL A 75 -10.63 1.65 12.05
C VAL A 75 -11.14 2.95 11.49
N LEU A 76 -10.57 3.37 10.37
CA LEU A 76 -11.03 4.54 9.67
C LEU A 76 -12.16 4.23 8.67
N VAL A 77 -13.21 5.04 8.68
CA VAL A 77 -14.25 4.86 7.65
C VAL A 77 -14.37 6.09 6.75
N GLY A 78 -14.28 5.85 5.44
CA GLY A 78 -14.40 6.93 4.45
C GLY A 78 -14.36 6.42 3.04
N PRO A 79 -14.46 7.33 2.05
CA PRO A 79 -14.61 6.85 0.68
C PRO A 79 -13.35 6.43 -0.08
N THR A 80 -12.58 5.53 0.51
CA THR A 80 -11.50 4.79 -0.17
C THR A 80 -12.09 3.96 -1.36
N PRO A 81 -11.33 3.76 -2.45
CA PRO A 81 -11.81 2.91 -3.56
C PRO A 81 -11.88 1.41 -3.25
N LEU A 82 -11.12 0.95 -2.24
CA LEU A 82 -10.98 -0.46 -1.81
C LEU A 82 -10.72 -0.47 -0.30
N ASN A 83 -11.22 -1.47 0.40
CA ASN A 83 -10.89 -1.69 1.79
C ASN A 83 -9.43 -2.06 1.92
N ILE A 84 -8.76 -1.46 2.89
CA ILE A 84 -7.34 -1.74 3.06
C ILE A 84 -6.98 -2.08 4.50
N ILE A 85 -6.13 -3.08 4.62
CA ILE A 85 -5.63 -3.50 5.91
C ILE A 85 -4.23 -2.94 6.04
N GLY A 86 -4.04 -2.06 7.02
CA GLY A 86 -2.75 -1.34 7.13
C GLY A 86 -1.83 -1.85 8.22
N ARG A 87 -0.66 -1.25 8.33
CA ARG A 87 0.36 -1.74 9.24
C ARG A 87 -0.11 -1.85 10.69
N ASN A 88 -1.08 -1.02 11.13
CA ASN A 88 -1.63 -1.19 12.51
C ASN A 88 -2.27 -2.57 12.73
N VAL A 89 -2.89 -3.14 11.70
CA VAL A 89 -3.42 -4.50 11.83
C VAL A 89 -2.44 -5.57 11.38
N LEU A 90 -1.62 -5.26 10.36
CA LEU A 90 -0.71 -6.24 9.81
C LEU A 90 0.29 -6.68 10.88
N THR A 91 0.76 -5.74 11.68
CA THR A 91 1.72 -6.02 12.74
C THR A 91 1.16 -7.02 13.77
N GLN A 92 -0.17 -7.00 13.97
CA GLN A 92 -0.82 -7.83 14.97
C GLN A 92 -1.04 -9.27 14.50
N LEU A 93 -1.04 -9.46 13.19
CA LEU A 93 -1.08 -10.77 12.57
C LEU A 93 0.32 -11.36 12.52
N GLY A 94 1.30 -10.59 13.00
CA GLY A 94 2.72 -10.95 12.90
C GLY A 94 3.17 -10.97 11.44
N CYS A 95 2.61 -10.07 10.64
CA CYS A 95 2.90 -10.06 9.20
CA CYS A 95 2.87 -10.05 9.20
C CYS A 95 4.23 -9.44 8.87
N THR A 96 4.94 -10.11 7.95
CA THR A 96 6.26 -9.70 7.54
C THR A 96 6.41 -9.72 5.98
N LEU A 97 7.29 -8.87 5.45
CA LEU A 97 7.66 -8.91 4.05
C LEU A 97 8.95 -9.72 3.92
N ASN A 98 8.99 -10.74 3.06
CA ASN A 98 10.17 -11.61 2.91
C ASN A 98 10.66 -11.70 1.48
N PHE A 99 11.98 -11.67 1.29
CA PHE A 99 12.55 -11.94 -0.02
C PHE A 99 14.01 -12.28 0.00
N PRO B 1 16.32 -11.63 3.76
CA PRO B 1 15.71 -10.43 4.36
C PRO B 1 14.24 -10.63 4.74
N GLN B 2 13.95 -10.40 6.01
CA GLN B 2 12.61 -10.42 6.52
C GLN B 2 12.42 -9.08 7.21
N ILE B 3 11.33 -8.41 6.88
CA ILE B 3 11.07 -7.04 7.32
C ILE B 3 9.74 -6.99 8.07
N THR B 4 9.78 -6.57 9.33
CA THR B 4 8.54 -6.32 10.08
C THR B 4 7.90 -5.00 9.67
N LEU B 5 6.78 -4.69 10.32
CA LEU B 5 5.93 -3.66 9.77
C LEU B 5 5.56 -2.60 10.81
N TRP B 6 6.28 -2.63 11.92
CA TRP B 6 6.11 -1.67 13.01
C TRP B 6 6.49 -0.23 12.59
N GLN B 7 7.27 -0.11 11.52
CA GLN B 7 7.61 1.18 10.90
C GLN B 7 7.36 0.99 9.42
N ARG B 8 7.35 2.08 8.66
CA ARG B 8 7.15 1.96 7.21
C ARG B 8 8.31 1.17 6.60
N PRO B 9 8.02 0.16 5.76
CA PRO B 9 9.08 -0.59 5.11
C PRO B 9 9.67 0.22 3.96
N LEU B 10 10.51 1.17 4.33
CA LEU B 10 11.23 2.01 3.41
C LEU B 10 12.61 1.39 3.06
N VAL B 11 12.96 1.42 1.78
CA VAL B 11 14.25 0.90 1.29
C VAL B 11 14.95 1.95 0.38
N THR B 12 16.27 1.88 0.32
CA THR B 12 17.05 2.74 -0.55
C THR B 12 17.11 2.10 -1.93
N VAL B 13 16.97 2.89 -2.98
CA VAL B 13 17.04 2.30 -4.31
C VAL B 13 17.85 3.18 -5.24
N LYS B 14 18.60 2.53 -6.14
CA LYS B 14 19.20 3.23 -7.25
C LYS B 14 18.32 3.03 -8.49
N ILE B 15 17.84 4.14 -9.02
CA ILE B 15 16.96 4.14 -10.17
C ILE B 15 17.46 5.22 -11.15
N GLY B 16 17.68 4.81 -12.40
CA GLY B 16 18.17 5.70 -13.43
C GLY B 16 19.36 6.52 -12.96
N GLY B 17 20.26 5.88 -12.23
CA GLY B 17 21.48 6.51 -11.75
C GLY B 17 21.34 7.42 -10.54
N GLN B 18 20.12 7.60 -10.05
CA GLN B 18 19.83 8.49 -8.91
C GLN B 18 19.47 7.67 -7.67
N LEU B 19 19.81 8.16 -6.48
CA LEU B 19 19.50 7.46 -5.22
C LEU B 19 18.23 8.02 -4.60
N ARG B 20 17.33 7.12 -4.23
CA ARG B 20 16.05 7.45 -3.68
C ARG B 20 15.68 6.53 -2.54
N GLU B 21 14.79 7.01 -1.68
CA GLU B 21 14.15 6.19 -0.71
C GLU B 21 12.71 5.82 -1.23
N ALA B 22 12.31 4.56 -1.08
CA ALA B 22 10.97 4.19 -1.50
C ALA B 22 10.39 3.14 -0.57
N LEU B 23 9.05 3.04 -0.66
CA LEU B 23 8.20 2.25 0.20
C LEU B 23 7.80 0.93 -0.45
N LEU B 24 7.99 -0.15 0.27
CA LEU B 24 7.55 -1.45 -0.20
C LEU B 24 6.06 -1.50 -0.01
N ASP B 25 5.35 -1.50 -1.13
CA ASP B 25 3.92 -1.27 -1.07
C ASP B 25 3.16 -2.38 -1.73
N THR B 26 2.70 -3.34 -0.94
CA THR B 26 1.91 -4.45 -1.50
C THR B 26 0.51 -3.98 -1.98
N GLY B 27 0.08 -2.81 -1.51
CA GLY B 27 -1.18 -2.23 -1.96
C GLY B 27 -1.11 -1.45 -3.24
N ALA B 28 0.08 -1.37 -3.82
CA ALA B 28 0.26 -0.64 -5.08
C ALA B 28 0.49 -1.60 -6.20
N ASP B 29 -0.27 -1.48 -7.28
CA ASP B 29 -0.15 -2.39 -8.43
C ASP B 29 1.15 -2.07 -9.14
N ASP B 30 1.47 -0.78 -9.15
CA ASP B 30 2.50 -0.23 -10.02
C ASP B 30 3.56 0.57 -9.23
N THR B 31 4.72 0.74 -9.82
CA THR B 31 5.83 1.46 -9.19
C THR B 31 5.84 2.91 -9.62
N ILE B 32 5.92 3.80 -8.63
CA ILE B 32 5.87 5.22 -8.95
C ILE B 32 6.78 6.14 -8.11
N PHE B 33 7.43 7.07 -8.79
CA PHE B 33 8.29 8.01 -8.15
C PHE B 33 7.81 9.42 -8.41
N GLU B 34 8.17 10.31 -7.50
CA GLU B 34 7.81 11.71 -7.53
C GLU B 34 9.02 12.61 -7.84
N ASP B 35 10.18 12.30 -7.27
CA ASP B 35 11.32 13.25 -7.30
C ASP B 35 12.42 12.91 -8.30
N ILE B 36 12.03 12.39 -9.46
CA ILE B 36 13.01 12.00 -10.48
C ILE B 36 12.59 12.45 -11.87
N ASN B 37 13.56 12.35 -12.78
CA ASN B 37 13.36 12.58 -14.19
C ASN B 37 14.11 11.48 -14.87
N LEU B 38 13.37 10.67 -15.60
CA LEU B 38 13.93 9.56 -16.36
C LEU B 38 14.16 9.99 -17.81
N PRO B 39 15.12 9.36 -18.49
CA PRO B 39 15.34 9.72 -19.88
C PRO B 39 14.28 9.10 -20.79
N GLY B 40 14.15 9.62 -22.01
CA GLY B 40 13.40 8.96 -23.08
C GLY B 40 11.94 9.33 -23.29
N LYS B 41 11.31 8.62 -24.21
CA LYS B 41 9.88 8.73 -24.47
C LYS B 41 9.04 8.15 -23.33
N TRP B 42 7.78 8.55 -23.27
CA TRP B 42 6.87 8.05 -22.25
C TRP B 42 5.45 7.98 -22.77
N THR B 43 4.59 7.29 -22.04
CA THR B 43 3.19 7.14 -22.38
C THR B 43 2.36 7.78 -21.27
N PRO B 44 1.34 8.59 -21.66
CA PRO B 44 0.49 9.20 -20.63
C PRO B 44 -0.38 8.15 -20.00
N LYS B 45 -0.33 8.07 -18.68
CA LYS B 45 -1.25 7.19 -17.98
C LYS B 45 -1.85 7.91 -16.78
N MET B 46 -2.69 7.22 -16.03
CA MET B 46 -3.23 7.81 -14.82
C MET B 46 -3.22 6.82 -13.69
N VAL B 47 -3.18 7.31 -12.47
CA VAL B 47 -3.34 6.43 -11.31
C VAL B 47 -4.41 6.98 -10.39
N GLY B 48 -5.10 6.09 -9.72
CA GLY B 48 -6.16 6.49 -8.81
C GLY B 48 -5.74 6.04 -7.45
N GLY B 49 -6.04 6.84 -6.45
CA GLY B 49 -5.65 6.49 -5.11
C GLY B 49 -6.73 6.78 -4.13
N ILE B 50 -6.37 6.72 -2.86
CA ILE B 50 -7.31 6.96 -1.80
C ILE B 50 -8.09 8.27 -2.05
N GLY B 51 -7.40 9.37 -2.36
CA GLY B 51 -8.09 10.66 -2.45
C GLY B 51 -8.34 11.23 -3.85
N GLY B 52 -8.19 10.43 -4.89
CA GLY B 52 -8.36 10.97 -6.24
C GLY B 52 -7.39 10.43 -7.27
N PHE B 53 -7.39 11.03 -8.45
CA PHE B 53 -6.56 10.57 -9.55
CA PHE B 53 -6.58 10.60 -9.58
C PHE B 53 -5.46 11.59 -9.85
N MET B 54 -4.41 11.14 -10.54
CA MET B 54 -3.39 12.04 -11.10
C MET B 54 -2.77 11.53 -12.41
N LYS B 55 -2.34 12.45 -13.26
CA LYS B 55 -1.67 12.13 -14.52
C LYS B 55 -0.23 11.72 -14.24
N VAL B 56 0.23 10.67 -14.92
CA VAL B 56 1.59 10.21 -14.78
C VAL B 56 2.22 9.88 -16.13
N ARG B 57 3.54 9.78 -16.13
CA ARG B 57 4.29 9.30 -17.27
C ARG B 57 4.72 7.89 -16.97
N GLN B 58 4.43 6.96 -17.89
CA GLN B 58 4.99 5.63 -17.83
C GLN B 58 6.23 5.54 -18.70
N TYR B 59 7.35 5.24 -18.04
CA TYR B 59 8.61 4.96 -18.69
C TYR B 59 8.77 3.45 -18.63
N ASP B 60 8.99 2.83 -19.78
CA ASP B 60 9.18 1.40 -19.84
C ASP B 60 10.64 1.05 -19.56
N GLN B 61 10.88 -0.22 -19.21
CA GLN B 61 12.23 -0.77 -19.19
C GLN B 61 13.25 0.06 -18.39
N VAL B 62 12.88 0.42 -17.17
CA VAL B 62 13.75 1.19 -16.29
C VAL B 62 14.49 0.27 -15.31
N VAL B 63 15.80 0.45 -15.22
CA VAL B 63 16.64 -0.31 -14.29
C VAL B 63 16.57 0.20 -12.86
N ILE B 64 16.20 -0.69 -11.94
CA ILE B 64 16.11 -0.37 -10.52
C ILE B 64 17.02 -1.31 -9.74
N GLU B 65 17.87 -0.73 -8.89
CA GLU B 65 18.69 -1.50 -7.96
C GLU B 65 18.07 -1.40 -6.57
N ILE B 66 17.49 -2.49 -6.11
CA ILE B 66 16.73 -2.51 -4.86
C ILE B 66 17.17 -3.72 -4.05
N CYS B 67 17.26 -3.52 -2.72
CA CYS B 67 18.30 -4.17 -1.90
C CYS B 67 19.42 -4.87 -2.72
N GLY B 68 19.47 -6.20 -2.70
CA GLY B 68 20.50 -6.92 -3.46
C GLY B 68 20.25 -7.07 -4.95
N HIS B 69 19.00 -6.84 -5.37
CA HIS B 69 18.51 -7.15 -6.73
C HIS B 69 18.66 -6.01 -7.74
N LYS B 70 18.80 -6.38 -9.01
CA LYS B 70 18.86 -5.42 -10.10
C LYS B 70 17.86 -5.84 -11.19
N VAL B 71 16.79 -5.05 -11.33
CA VAL B 71 15.61 -5.43 -12.13
C VAL B 71 15.18 -4.35 -13.11
N THR B 72 14.55 -4.75 -14.22
CA THR B 72 13.85 -3.78 -15.07
C THR B 72 12.33 -3.81 -14.84
N SER B 73 11.70 -2.66 -15.03
CA SER B 73 10.26 -2.51 -14.87
C SER B 73 9.80 -1.18 -15.48
N PRO B 74 8.54 -1.11 -15.93
CA PRO B 74 7.93 0.18 -16.19
C PRO B 74 7.82 1.04 -14.95
N VAL B 75 8.12 2.31 -15.08
CA VAL B 75 8.07 3.18 -13.90
C VAL B 75 7.20 4.38 -14.20
N LEU B 76 6.32 4.66 -13.26
CA LEU B 76 5.48 5.84 -13.34
C LEU B 76 6.14 7.01 -12.62
N VAL B 77 6.10 8.18 -13.25
CA VAL B 77 6.60 9.39 -12.61
C VAL B 77 5.44 10.39 -12.54
N GLY B 78 5.20 10.94 -11.34
CA GLY B 78 4.14 11.91 -11.09
C GLY B 78 4.10 12.36 -9.64
N PRO B 79 3.21 13.31 -9.33
CA PRO B 79 3.20 13.95 -8.00
C PRO B 79 2.68 13.13 -6.79
N THR B 80 3.12 11.89 -6.64
CA THR B 80 2.90 11.07 -5.43
C THR B 80 3.54 11.72 -4.17
N PRO B 81 2.99 11.48 -2.96
CA PRO B 81 3.59 12.04 -1.73
C PRO B 81 4.90 11.37 -1.27
N LEU B 82 5.08 10.10 -1.67
CA LEU B 82 6.21 9.23 -1.33
C LEU B 82 6.50 8.42 -2.58
N ASN B 83 7.69 7.86 -2.69
CA ASN B 83 8.00 6.92 -3.72
C ASN B 83 7.50 5.55 -3.29
N ILE B 84 6.90 4.83 -4.24
CA ILE B 84 6.40 3.51 -3.90
C ILE B 84 6.86 2.45 -4.87
N ILE B 85 7.23 1.31 -4.27
CA ILE B 85 7.59 0.11 -4.99
C ILE B 85 6.38 -0.79 -4.91
N GLY B 86 5.78 -1.07 -6.08
CA GLY B 86 4.59 -1.92 -6.11
C GLY B 86 4.79 -3.30 -6.67
N ARG B 87 3.71 -4.09 -6.66
CA ARG B 87 3.77 -5.51 -7.00
C ARG B 87 4.50 -5.79 -8.29
N ASN B 88 4.52 -4.85 -9.25
CA ASN B 88 5.28 -5.18 -10.48
C ASN B 88 6.76 -5.38 -10.20
N VAL B 89 7.33 -4.63 -9.25
CA VAL B 89 8.74 -4.82 -8.88
C VAL B 89 8.91 -5.82 -7.71
N LEU B 90 7.94 -5.87 -6.79
CA LEU B 90 8.01 -6.78 -5.63
C LEU B 90 8.05 -8.26 -6.06
N THR B 91 7.25 -8.62 -7.06
CA THR B 91 7.25 -9.96 -7.61
C THR B 91 8.65 -10.37 -8.14
N GLN B 92 9.37 -9.39 -8.70
CA GLN B 92 10.70 -9.65 -9.27
C GLN B 92 11.78 -9.85 -8.21
N LEU B 93 11.50 -9.35 -7.00
CA LEU B 93 12.38 -9.54 -5.85
C LEU B 93 12.09 -10.87 -5.17
N GLY B 94 11.05 -11.57 -5.65
CA GLY B 94 10.54 -12.76 -4.97
C GLY B 94 9.98 -12.39 -3.62
N CYS B 95 9.36 -11.21 -3.55
CA CYS B 95 8.85 -10.71 -2.28
C CYS B 95 7.51 -11.37 -1.93
N THR B 96 7.39 -11.84 -0.69
CA THR B 96 6.12 -12.35 -0.18
C THR B 96 5.67 -11.74 1.17
N LEU B 97 4.40 -11.88 1.47
CA LEU B 97 3.85 -11.47 2.74
C LEU B 97 3.70 -12.75 3.54
N ASN B 98 4.22 -12.76 4.76
CA ASN B 98 4.26 -13.96 5.59
C ASN B 98 3.66 -13.73 6.97
N PHE B 99 2.88 -14.69 7.44
CA PHE B 99 2.39 -14.64 8.81
C PHE B 99 1.84 -15.99 9.22
N1 017 C . -0.40 2.12 -8.92
N1 017 C . -3.80 5.41 6.07
C2 017 C . -0.85 2.64 -7.75
C2 017 C . -3.60 5.40 4.73
C3 017 C . 0.05 2.80 -6.71
C3 017 C . -3.97 4.28 4.01
C4 017 C . -0.38 3.32 -5.51
C4 017 C . -3.77 4.25 2.64
C5 017 C . -1.71 3.68 -5.33
C5 017 C . -3.21 5.33 1.97
C6 017 C . -2.63 3.53 -6.37
C6 017 C . -2.85 6.47 2.68
C7 017 C . -2.19 3.01 -7.60
C7 017 C . -3.05 6.50 4.07
S8 017 C . -2.16 4.27 -3.92
S8 017 C . -3.00 5.23 0.39
O9 017 C . -1.07 5.04 -3.39
O9 017 C . -4.07 4.44 -0.14
O10 017 C . -3.26 5.15 -4.15
O10 017 C . -3.09 6.56 -0.18
N11 017 C . -2.61 3.13 -2.84
N11 017 C . -1.57 4.58 -0.04
C12 017 C . -3.59 2.16 -3.35
C12 017 C . -0.40 5.20 0.63
C13 017 C . -4.59 1.74 -2.27
C13 017 C . 0.74 5.42 -0.37
C14 017 C . -5.05 2.89 -1.37
C14 017 C . 0.31 6.08 -1.68
C15 017 C . -5.82 1.09 -2.91
C15 017 C . 1.85 6.27 0.27
C16 017 C . -1.44 2.43 -2.28
C16 017 C . -1.54 3.12 0.12
C17 017 C . -1.42 2.71 -0.77
C17 017 C . -1.31 2.54 -1.27
O18 017 C . -0.53 1.80 -0.11
O18 017 C . -0.88 1.18 -1.14
C19 017 C . -1.07 4.15 -0.41
C19 017 C . -2.54 2.67 -2.19
N20 017 C . -1.30 4.28 1.03
N20 017 C . -2.08 2.28 -3.51
C21 017 C . -2.29 4.95 1.61
C21 017 C . -1.98 3.09 -4.59
O22 017 C . -3.18 5.58 1.05
O22 017 C . -2.22 4.29 -4.67
O23 017 C . -2.30 4.93 3.05
O23 017 C . -1.52 2.45 -5.79
C24 017 C . -3.12 5.85 3.72
C24 017 C . -1.69 3.21 -6.98
C25 017 C . -3.75 5.02 4.81
C25 017 C . -0.36 2.98 -7.66
O26 017 C . -2.84 5.09 5.90
O26 017 C . -0.53 1.69 -8.25
C27 017 C . -1.81 6.07 5.68
C27 017 C . -1.91 1.35 -8.41
O28 017 C . -0.54 5.47 5.36
O28 017 C . -2.29 0.23 -7.61
C29 017 C . 0.11 6.14 4.26
C29 017 C . -3.57 0.41 -6.99
C30 017 C . -0.92 7.18 3.76
C30 017 C . -3.88 1.91 -7.13
C31 017 C . -2.23 6.83 4.45
C31 017 C . -2.70 2.52 -7.87
C32 017 C . 0.41 4.48 -0.61
C32 017 C . -3.68 1.72 -1.85
C33 017 C . 1.41 6.20 0.93
C33 017 C . -5.14 0.94 -3.75
C34 017 C . 1.63 7.52 1.31
C34 017 C . -6.21 1.11 -4.63
C35 017 C . 1.10 8.56 0.56
C35 017 C . -6.97 2.27 -4.58
C36 017 C . 0.33 8.28 -0.58
C36 017 C . -6.67 3.26 -3.64
C37 017 C . 0.11 6.96 -0.96
C37 017 C . -5.62 3.08 -2.74
C38 017 C . 0.65 5.92 -0.20
C38 017 C . -4.85 1.92 -2.80
CL CL D . -7.29 -1.12 19.73
S2 BME E . -18.03 24.06 17.74
CL CL F . 10.19 -4.20 -18.10
#